data_2QMO
#
_entry.id   2QMO
#
_cell.length_a   82.095
_cell.length_b   37.454
_cell.length_c   69.636
_cell.angle_alpha   90.00
_cell.angle_beta   101.48
_cell.angle_gamma   90.00
#
_symmetry.space_group_name_H-M   'C 1 2 1'
#
loop_
_entity.id
_entity.type
_entity.pdbx_description
1 polymer 'Dethiobiotin synthetase'
2 non-polymer 'CHLORIDE ION'
3 water water
#
_entity_poly.entity_id   1
_entity_poly.type   'polypeptide(L)'
_entity_poly.pdbx_seq_one_letter_code
;GH(MSE)LFISATNTNAGKTTCARLLAQYCNACGVKTILLKPIETGVNDAINHSSDAHLFLQDNRLLDRSLTLKDISFYR
YHKVSAPLIAQQEEDPNAPIDTDNLTQRLHNFTKTYDLVIVEGAGGLCVPITLEEN(MSE)LDFALKLKAK(MSE)LLIS
HDNLGLINDCLLNDFLLKSHQLDYKIAINLKGNNTAFHSISLPYIELFNTRSNNPIVIFQQSLKVL(MSE)SFALK
;
_entity_poly.pdbx_strand_id   A
#
loop_
_chem_comp.id
_chem_comp.type
_chem_comp.name
_chem_comp.formula
CL non-polymer 'CHLORIDE ION' 'Cl -1'
#
# COMPACT_ATOMS: atom_id res chain seq x y z
N GLY A 1 -1.09 9.38 15.85
CA GLY A 1 -0.92 8.97 14.43
C GLY A 1 0.25 9.67 13.77
N HIS A 2 0.39 9.61 12.46
CA HIS A 2 -0.49 8.85 11.60
C HIS A 2 0.27 8.03 10.63
N MSE A 3 -0.24 6.83 10.43
CA MSE A 3 0.39 5.89 9.52
C MSE A 3 -0.65 5.17 8.69
O MSE A 3 -1.62 4.66 9.27
CB MSE A 3 1.21 4.85 10.30
CG MSE A 3 2.07 4.00 9.40
SE MSE A 3 3.21 2.73 10.37
CE MSE A 3 4.43 4.11 11.11
N LEU A 4 -0.41 5.10 7.38
CA LEU A 4 -1.35 4.49 6.44
C LEU A 4 -0.64 3.44 5.63
N PHE A 5 -1.00 2.17 5.78
CA PHE A 5 -0.51 1.08 4.93
C PHE A 5 -1.27 1.11 3.61
N ILE A 6 -0.57 0.84 2.50
CA ILE A 6 -1.23 0.71 1.21
C ILE A 6 -0.92 -0.65 0.63
N SER A 7 -1.96 -1.40 0.31
N SER A 7 -1.98 -1.41 0.32
CA SER A 7 -1.87 -2.70 -0.34
CA SER A 7 -1.87 -2.69 -0.37
C SER A 7 -2.74 -2.66 -1.61
C SER A 7 -2.81 -2.69 -1.60
N ALA A 8 -2.80 -3.78 -2.34
CA ALA A 8 -3.59 -3.88 -3.55
C ALA A 8 -4.28 -5.20 -3.65
N THR A 9 -5.37 -5.21 -4.38
CA THR A 9 -6.10 -6.47 -4.65
C THR A 9 -5.27 -7.42 -5.50
N ASN A 10 -4.53 -6.87 -6.44
CA ASN A 10 -3.81 -7.64 -7.41
C ASN A 10 -2.65 -6.84 -7.94
N THR A 11 -1.71 -7.58 -8.55
N THR A 11 -1.78 -7.55 -8.66
CA THR A 11 -0.53 -7.02 -9.14
CA THR A 11 -0.55 -6.95 -9.11
C THR A 11 -0.80 -5.89 -10.17
C THR A 11 -0.79 -5.91 -10.21
N ASN A 12 -1.97 -5.92 -10.81
CA ASN A 12 -2.31 -4.91 -11.84
C ASN A 12 -3.07 -3.67 -11.34
N ALA A 13 -3.02 -3.40 -10.05
CA ALA A 13 -3.93 -2.38 -9.50
C ALA A 13 -3.38 -0.96 -9.64
N GLY A 14 -2.07 -0.79 -9.73
CA GLY A 14 -1.46 0.53 -9.75
C GLY A 14 -1.37 1.18 -8.36
N LYS A 15 -1.16 0.39 -7.32
CA LYS A 15 -1.04 1.02 -6.01
C LYS A 15 0.05 2.09 -5.89
N THR A 16 1.21 1.93 -6.52
CA THR A 16 2.31 2.89 -6.36
C THR A 16 1.94 4.29 -6.91
N THR A 17 1.29 4.31 -8.05
N THR A 17 1.28 4.34 -8.06
CA THR A 17 0.76 5.53 -8.61
CA THR A 17 0.84 5.65 -8.55
C THR A 17 -0.17 6.22 -7.59
C THR A 17 -0.21 6.26 -7.63
N CYS A 18 -1.07 5.44 -7.00
CA CYS A 18 -2.05 5.97 -6.08
C CYS A 18 -1.38 6.49 -4.81
N ALA A 19 -0.46 5.70 -4.28
CA ALA A 19 0.31 6.16 -3.13
C ALA A 19 1.03 7.49 -3.36
N ARG A 20 1.65 7.63 -4.54
CA ARG A 20 2.33 8.88 -4.90
C ARG A 20 1.35 10.02 -5.07
N LEU A 21 0.19 9.77 -5.69
CA LEU A 21 -0.80 10.84 -5.83
C LEU A 21 -1.31 11.28 -4.48
N LEU A 22 -1.57 10.32 -3.60
CA LEU A 22 -2.13 10.73 -2.29
C LEU A 22 -1.07 11.52 -1.48
N ALA A 23 0.19 11.06 -1.49
CA ALA A 23 1.22 11.81 -0.75
C ALA A 23 1.43 13.19 -1.39
N GLN A 24 1.35 13.29 -2.73
CA GLN A 24 1.50 14.61 -3.38
C GLN A 24 0.39 15.53 -2.89
N TYR A 25 -0.82 14.98 -2.83
CA TYR A 25 -1.99 15.78 -2.44
C TYR A 25 -1.85 16.24 -0.98
N CYS A 26 -1.48 15.29 -0.11
CA CYS A 26 -1.30 15.61 1.30
C CYS A 26 -0.23 16.70 1.47
N ASN A 27 0.94 16.49 0.84
CA ASN A 27 1.98 17.52 0.91
C ASN A 27 1.50 18.90 0.47
N ALA A 28 0.72 18.91 -0.61
CA ALA A 28 0.25 20.18 -1.18
C ALA A 28 -0.72 20.85 -0.23
N CYS A 29 -1.40 20.08 0.62
CA CYS A 29 -2.36 20.59 1.65
C CYS A 29 -1.65 20.90 2.98
N GLY A 30 -0.33 20.83 3.00
CA GLY A 30 0.44 21.08 4.23
C GLY A 30 0.53 19.94 5.23
N VAL A 31 0.14 18.75 4.79
CA VAL A 31 0.30 17.55 5.60
C VAL A 31 1.56 16.86 5.15
N LYS A 32 2.62 16.96 5.95
CA LYS A 32 3.96 16.55 5.56
C LYS A 32 4.00 15.03 5.61
N THR A 33 4.17 14.44 4.42
CA THR A 33 3.96 13.03 4.20
C THR A 33 5.16 12.37 3.52
N ILE A 34 5.58 11.26 4.11
CA ILE A 34 6.63 10.44 3.50
C ILE A 34 6.12 9.13 2.98
N LEU A 35 6.75 8.61 1.91
CA LEU A 35 6.39 7.35 1.26
C LEU A 35 7.51 6.32 1.55
N LEU A 36 7.11 5.19 2.17
CA LEU A 36 8.09 4.13 2.51
C LEU A 36 7.71 2.83 1.81
N LYS A 37 8.71 2.05 1.42
CA LYS A 37 8.52 0.77 0.74
C LYS A 37 9.41 -0.23 1.46
N PRO A 38 8.99 -0.70 2.66
CA PRO A 38 9.96 -1.41 3.51
C PRO A 38 10.50 -2.72 2.91
N ILE A 39 9.67 -3.38 2.12
CA ILE A 39 9.99 -4.67 1.49
C ILE A 39 9.73 -4.56 0.01
N GLU A 40 10.70 -4.90 -0.82
CA GLU A 40 10.43 -4.89 -2.26
C GLU A 40 11.07 -6.07 -2.93
N THR A 41 10.36 -6.73 -3.83
CA THR A 41 10.91 -7.88 -4.58
C THR A 41 11.07 -7.45 -6.04
N GLY A 42 11.76 -8.26 -6.83
CA GLY A 42 11.87 -8.01 -8.28
C GLY A 42 12.74 -6.81 -8.60
N VAL A 43 13.71 -6.50 -7.74
CA VAL A 43 14.53 -5.31 -7.99
C VAL A 43 15.96 -5.61 -8.35
N ASN A 44 16.63 -4.65 -8.98
CA ASN A 44 18.06 -4.75 -9.26
C ASN A 44 18.62 -3.34 -9.27
N ASP A 45 19.07 -2.91 -8.08
CA ASP A 45 19.34 -1.51 -7.81
C ASP A 45 20.58 -0.97 -8.46
N ALA A 46 21.49 -1.85 -8.87
CA ALA A 46 22.66 -1.44 -9.66
C ALA A 46 22.27 -0.94 -11.08
N ILE A 47 21.17 -1.44 -11.60
CA ILE A 47 20.81 -1.33 -13.03
C ILE A 47 19.52 -0.56 -13.34
N ASN A 48 18.61 -0.50 -12.37
CA ASN A 48 17.26 0.05 -12.56
C ASN A 48 16.93 0.93 -11.37
N HIS A 49 16.76 2.22 -11.63
CA HIS A 49 16.36 3.17 -10.57
C HIS A 49 14.90 3.57 -10.74
N SER A 50 14.06 2.60 -11.09
CA SER A 50 12.63 2.87 -11.29
C SER A 50 11.75 1.97 -10.43
N SER A 51 12.33 1.33 -9.41
CA SER A 51 11.58 0.53 -8.47
C SER A 51 10.59 1.43 -7.70
N ASP A 52 9.67 0.84 -6.97
CA ASP A 52 8.72 1.64 -6.20
C ASP A 52 9.49 2.51 -5.24
N ALA A 53 10.50 1.94 -4.56
CA ALA A 53 11.26 2.73 -3.61
C ALA A 53 12.00 3.89 -4.27
N HIS A 54 12.49 3.71 -5.49
CA HIS A 54 13.15 4.80 -6.17
C HIS A 54 12.18 5.95 -6.48
N LEU A 55 10.96 5.60 -6.92
CA LEU A 55 9.94 6.61 -7.22
C LEU A 55 9.58 7.35 -5.93
N PHE A 56 9.39 6.56 -4.87
CA PHE A 56 9.13 7.15 -3.57
C PHE A 56 10.25 8.13 -3.17
N LEU A 57 11.48 7.66 -3.30
CA LEU A 57 12.65 8.48 -2.93
C LEU A 57 12.66 9.83 -3.66
N GLN A 58 12.37 9.79 -4.95
CA GLN A 58 12.33 11.01 -5.74
C GLN A 58 11.35 11.98 -5.11
N ASP A 59 10.16 11.47 -4.78
CA ASP A 59 9.13 12.35 -4.23
C ASP A 59 9.54 12.84 -2.86
N ASN A 60 10.07 11.92 -2.08
CA ASN A 60 10.49 12.28 -0.73
C ASN A 60 11.59 13.31 -0.67
N ARG A 61 12.49 13.28 -1.66
CA ARG A 61 13.64 14.20 -1.61
C ARG A 61 13.19 15.65 -1.83
N LEU A 62 11.96 15.88 -2.26
CA LEU A 62 11.41 17.25 -2.29
C LEU A 62 11.15 17.78 -0.90
N LEU A 63 11.23 16.93 0.12
N LEU A 63 11.23 16.88 0.08
CA LEU A 63 11.05 17.37 1.49
CA LEU A 63 10.93 17.12 1.49
C LEU A 63 12.35 17.24 2.26
C LEU A 63 12.19 17.05 2.34
N ASP A 64 13.17 16.26 1.89
CA ASP A 64 14.43 16.06 2.62
C ASP A 64 15.47 15.50 1.66
N ARG A 65 16.39 16.38 1.29
CA ARG A 65 17.42 16.01 0.26
C ARG A 65 18.33 14.91 0.73
N SER A 66 18.47 14.75 2.05
CA SER A 66 19.43 13.85 2.59
C SER A 66 18.93 12.40 2.56
N LEU A 67 17.65 12.19 2.23
CA LEU A 67 17.16 10.80 2.24
C LEU A 67 17.85 10.00 1.14
N THR A 68 18.09 8.73 1.43
CA THR A 68 18.63 7.76 0.47
C THR A 68 17.73 6.50 0.47
N LEU A 69 18.00 5.60 -0.47
CA LEU A 69 17.12 4.47 -0.67
C LEU A 69 17.07 3.65 0.61
N LYS A 70 18.20 3.46 1.24
CA LYS A 70 18.28 2.58 2.43
C LYS A 70 17.50 3.18 3.64
N ASP A 71 17.16 4.47 3.58
CA ASP A 71 16.34 5.08 4.65
C ASP A 71 14.87 4.73 4.56
N ILE A 72 14.42 4.29 3.39
CA ILE A 72 12.99 4.11 3.14
C ILE A 72 12.60 2.71 2.66
N SER A 73 13.61 1.84 2.45
CA SER A 73 13.36 0.49 2.00
C SER A 73 14.50 -0.39 2.53
N PHE A 74 14.13 -1.49 3.18
CA PHE A 74 15.01 -2.20 4.13
C PHE A 74 15.32 -3.65 3.75
N TYR A 75 14.44 -4.27 2.96
CA TYR A 75 14.59 -5.67 2.52
C TYR A 75 14.27 -5.68 1.06
N ARG A 76 15.28 -5.89 0.22
CA ARG A 76 15.11 -5.76 -1.22
C ARG A 76 15.70 -6.98 -1.89
N TYR A 77 14.91 -7.61 -2.76
CA TYR A 77 15.28 -8.88 -3.38
C TYR A 77 15.18 -8.82 -4.87
N HIS A 78 16.08 -9.55 -5.55
CA HIS A 78 16.00 -9.67 -6.97
C HIS A 78 14.84 -10.55 -7.43
N LYS A 79 14.58 -11.63 -6.73
CA LYS A 79 13.53 -12.58 -7.13
C LYS A 79 12.16 -11.94 -7.18
N VAL A 80 11.30 -12.33 -8.13
CA VAL A 80 9.93 -11.76 -8.19
C VAL A 80 8.94 -12.41 -7.17
N SER A 81 9.37 -13.44 -6.50
N SER A 81 9.41 -13.45 -6.50
CA SER A 81 8.45 -14.18 -5.70
CA SER A 81 8.60 -14.27 -5.63
C SER A 81 7.89 -13.37 -4.51
C SER A 81 8.14 -13.54 -4.37
N ALA A 82 7.14 -14.09 -3.68
CA ALA A 82 6.75 -13.58 -2.35
C ALA A 82 7.98 -13.29 -1.54
N PRO A 83 7.91 -12.28 -0.70
CA PRO A 83 9.11 -11.94 0.07
C PRO A 83 9.70 -13.07 0.86
N LEU A 84 8.86 -13.92 1.49
CA LEU A 84 9.39 -15.02 2.28
C LEU A 84 10.31 -15.89 1.37
N ILE A 85 9.85 -16.24 0.18
CA ILE A 85 10.64 -17.12 -0.70
C ILE A 85 11.89 -16.39 -1.19
N ALA A 86 11.76 -15.16 -1.57
CA ALA A 86 12.89 -14.41 -2.08
C ALA A 86 13.99 -14.34 -0.98
N GLN A 87 13.56 -14.09 0.26
CA GLN A 87 14.47 -14.02 1.40
C GLN A 87 15.17 -15.36 1.61
N GLN A 88 14.37 -16.42 1.67
CA GLN A 88 14.95 -17.75 1.97
C GLN A 88 15.99 -18.07 0.93
N GLU A 89 15.74 -17.69 -0.32
CA GLU A 89 16.67 -18.07 -1.41
C GLU A 89 17.88 -17.17 -1.50
N GLU A 90 17.68 -15.85 -1.36
CA GLU A 90 18.79 -14.90 -1.50
C GLU A 90 19.58 -14.56 -0.24
N ASP A 91 18.91 -14.61 0.92
CA ASP A 91 19.48 -14.13 2.18
C ASP A 91 19.05 -15.12 3.27
N PRO A 92 19.46 -16.39 3.16
CA PRO A 92 18.96 -17.39 4.10
C PRO A 92 19.24 -17.10 5.57
N ASN A 93 20.29 -16.35 5.86
CA ASN A 93 20.62 -16.01 7.25
C ASN A 93 20.00 -14.70 7.74
N ALA A 94 19.14 -14.09 6.93
CA ALA A 94 18.56 -12.81 7.33
C ALA A 94 17.04 -12.80 7.12
N PRO A 95 16.30 -13.48 8.01
CA PRO A 95 14.83 -13.35 7.90
C PRO A 95 14.36 -11.91 8.04
N ILE A 96 13.22 -11.62 7.41
CA ILE A 96 12.64 -10.31 7.57
C ILE A 96 12.19 -10.14 8.99
N ASP A 97 12.61 -9.07 9.65
CA ASP A 97 12.32 -8.82 11.06
C ASP A 97 11.31 -7.68 11.18
N THR A 98 10.05 -8.02 11.40
CA THR A 98 9.00 -7.03 11.44
C THR A 98 9.06 -6.17 12.72
N ASP A 99 9.71 -6.63 13.79
CA ASP A 99 9.90 -5.78 14.94
C ASP A 99 10.82 -4.62 14.55
N ASN A 100 11.91 -4.95 13.85
CA ASN A 100 12.88 -3.94 13.40
C ASN A 100 12.12 -2.98 12.47
N LEU A 101 11.30 -3.50 11.53
CA LEU A 101 10.59 -2.63 10.58
C LEU A 101 9.63 -1.73 11.31
N THR A 102 8.94 -2.26 12.31
CA THR A 102 7.97 -1.45 13.05
C THR A 102 8.67 -0.23 13.72
N GLN A 103 9.88 -0.47 14.27
CA GLN A 103 10.65 0.62 14.89
C GLN A 103 11.07 1.64 13.83
N ARG A 104 11.56 1.14 12.71
CA ARG A 104 12.08 2.03 11.69
C ARG A 104 11.00 2.90 11.09
N LEU A 105 9.86 2.29 10.81
CA LEU A 105 8.73 2.99 10.20
C LEU A 105 8.17 4.00 11.17
N HIS A 106 8.04 3.62 12.44
CA HIS A 106 7.41 4.49 13.44
C HIS A 106 8.29 5.63 13.88
N ASN A 107 9.60 5.51 13.64
CA ASN A 107 10.50 6.61 13.92
C ASN A 107 10.16 7.82 13.04
N PHE A 108 9.65 7.56 11.84
CA PHE A 108 9.31 8.66 10.93
C PHE A 108 8.12 9.48 11.38
N THR A 109 7.34 8.98 12.34
CA THR A 109 6.23 9.77 12.86
C THR A 109 6.75 10.93 13.71
N LYS A 110 8.03 10.97 14.07
CA LYS A 110 8.61 12.15 14.75
C LYS A 110 8.66 13.38 13.83
N THR A 111 8.95 13.14 12.54
CA THR A 111 9.30 14.18 11.58
C THR A 111 8.26 14.38 10.47
N TYR A 112 7.23 13.52 10.40
CA TYR A 112 6.19 13.59 9.37
C TYR A 112 4.82 13.55 9.97
N ASP A 113 3.87 14.32 9.40
CA ASP A 113 2.49 14.21 9.82
C ASP A 113 1.82 12.92 9.41
N LEU A 114 2.24 12.36 8.26
CA LEU A 114 1.70 11.13 7.80
C LEU A 114 2.80 10.29 7.19
N VAL A 115 2.81 9.01 7.59
CA VAL A 115 3.78 8.05 7.08
C VAL A 115 3.01 7.05 6.25
N ILE A 116 3.24 7.01 4.94
CA ILE A 116 2.58 6.02 4.09
C ILE A 116 3.54 4.84 3.87
N VAL A 117 3.08 3.61 4.15
CA VAL A 117 3.88 2.40 4.09
C VAL A 117 3.25 1.54 3.01
N GLU A 118 3.91 1.36 1.88
CA GLU A 118 3.40 0.51 0.81
C GLU A 118 3.89 -0.90 1.03
N GLY A 119 2.99 -1.89 0.96
CA GLY A 119 3.39 -3.28 1.01
C GLY A 119 3.84 -3.80 -0.33
N ALA A 120 4.00 -5.14 -0.38
CA ALA A 120 4.31 -5.79 -1.62
C ALA A 120 3.42 -7.05 -1.74
N GLY A 121 2.85 -7.31 -2.92
CA GLY A 121 2.30 -8.59 -3.19
C GLY A 121 0.80 -8.70 -2.90
N GLY A 122 0.32 -8.16 -1.80
CA GLY A 122 -1.09 -8.30 -1.38
C GLY A 122 -1.18 -8.65 0.08
N LEU A 123 -2.41 -8.64 0.58
CA LEU A 123 -2.59 -8.82 2.03
C LEU A 123 -2.15 -10.15 2.53
N CYS A 124 -2.22 -11.17 1.67
CA CYS A 124 -2.00 -12.53 2.15
C CYS A 124 -0.59 -13.05 1.81
N VAL A 125 0.22 -12.21 1.18
N VAL A 125 0.20 -12.29 1.05
CA VAL A 125 1.53 -12.65 0.81
CA VAL A 125 1.51 -12.84 0.72
C VAL A 125 2.48 -12.82 2.01
C VAL A 125 2.38 -12.92 1.97
N PRO A 126 3.18 -13.98 2.06
CA PRO A 126 4.03 -14.22 3.18
C PRO A 126 5.30 -13.42 3.24
N ILE A 127 5.56 -12.88 4.43
N ILE A 127 5.63 -12.93 4.43
CA ILE A 127 6.78 -12.15 4.81
CA ILE A 127 6.93 -12.28 4.74
C ILE A 127 7.74 -13.07 5.58
C ILE A 127 7.80 -13.21 5.56
N THR A 128 7.20 -13.80 6.57
CA THR A 128 7.87 -14.84 7.37
C THR A 128 6.90 -16.04 7.32
N LEU A 129 7.26 -17.25 7.83
CA LEU A 129 6.30 -18.36 7.85
C LEU A 129 5.11 -18.03 8.74
N GLU A 130 5.32 -17.13 9.71
CA GLU A 130 4.25 -16.80 10.64
C GLU A 130 3.47 -15.56 10.21
N GLU A 131 4.08 -14.67 9.43
CA GLU A 131 3.44 -13.36 9.17
C GLU A 131 3.29 -13.07 7.69
N ASN A 132 2.10 -12.57 7.35
CA ASN A 132 1.83 -12.03 6.02
C ASN A 132 1.78 -10.49 6.01
N MSE A 133 1.52 -9.88 4.85
CA MSE A 133 1.49 -8.42 4.84
C MSE A 133 0.44 -7.83 5.76
O MSE A 133 0.67 -6.84 6.43
CB MSE A 133 1.33 -7.92 3.41
CG MSE A 133 2.56 -8.10 2.58
SE MSE A 133 3.84 -6.70 2.97
CE MSE A 133 5.32 -7.21 1.75
N LEU A 134 -0.74 -8.43 5.79
CA LEU A 134 -1.78 -7.96 6.71
C LEU A 134 -1.33 -8.04 8.18
N ASP A 135 -0.63 -9.10 8.55
CA ASP A 135 -0.15 -9.24 9.92
C ASP A 135 0.81 -8.11 10.24
N PHE A 136 1.60 -7.75 9.28
CA PHE A 136 2.58 -6.65 9.47
C PHE A 136 1.83 -5.33 9.64
N ALA A 137 0.82 -5.07 8.79
CA ALA A 137 -0.01 -3.88 8.92
C ALA A 137 -0.66 -3.85 10.29
N LEU A 138 -1.07 -5.01 10.82
CA LEU A 138 -1.75 -5.06 12.11
C LEU A 138 -0.73 -4.73 13.21
N LYS A 139 0.48 -5.28 13.07
CA LYS A 139 1.55 -5.00 14.06
C LYS A 139 1.85 -3.51 14.10
N LEU A 140 1.85 -2.87 12.95
CA LEU A 140 2.16 -1.45 12.86
C LEU A 140 1.07 -0.58 13.50
N LYS A 141 -0.13 -1.13 13.67
CA LYS A 141 -1.31 -0.37 14.10
C LYS A 141 -1.70 0.73 13.14
N ALA A 142 -1.35 0.52 11.88
CA ALA A 142 -1.66 1.47 10.82
C ALA A 142 -3.12 1.40 10.36
N LYS A 143 -3.61 2.46 9.75
CA LYS A 143 -4.85 2.36 8.94
C LYS A 143 -4.48 1.70 7.60
N MSE A 144 -5.46 1.20 6.87
CA MSE A 144 -5.20 0.50 5.64
C MSE A 144 -5.96 1.12 4.51
O MSE A 144 -7.18 1.33 4.61
CB MSE A 144 -5.64 -0.96 5.81
CG MSE A 144 -5.78 -1.76 4.53
SE MSE A 144 -4.03 -2.16 3.70
CE MSE A 144 -3.32 -3.39 5.13
N LEU A 145 -5.23 1.28 3.39
CA LEU A 145 -5.87 1.66 2.12
C LEU A 145 -5.56 0.54 1.11
N LEU A 146 -6.58 -0.15 0.64
N LEU A 146 -6.60 -0.14 0.66
CA LEU A 146 -6.40 -1.21 -0.33
CA LEU A 146 -6.49 -1.21 -0.32
C LEU A 146 -6.88 -0.77 -1.72
C LEU A 146 -6.84 -0.61 -1.70
N ILE A 147 -5.94 -0.75 -2.67
CA ILE A 147 -6.20 -0.27 -4.04
C ILE A 147 -6.66 -1.44 -4.85
N SER A 148 -7.76 -1.24 -5.55
CA SER A 148 -8.29 -2.22 -6.52
C SER A 148 -8.07 -1.81 -7.95
N HIS A 149 -7.92 -2.80 -8.83
CA HIS A 149 -7.94 -2.53 -10.22
C HIS A 149 -9.38 -2.15 -10.62
N ASP A 150 -9.51 -1.71 -11.88
CA ASP A 150 -10.76 -1.22 -12.44
C ASP A 150 -11.32 -2.05 -13.57
N ASN A 151 -10.89 -3.31 -13.65
CA ASN A 151 -11.35 -4.17 -14.73
C ASN A 151 -12.49 -5.05 -14.31
N LEU A 152 -13.18 -5.67 -15.28
CA LEU A 152 -14.17 -6.72 -14.99
C LEU A 152 -13.54 -7.72 -14.06
N GLY A 153 -14.21 -8.02 -12.98
CA GLY A 153 -13.62 -8.91 -11.97
C GLY A 153 -13.35 -8.19 -10.67
N LEU A 154 -13.40 -6.85 -10.71
CA LEU A 154 -13.03 -6.10 -9.52
C LEU A 154 -13.98 -6.35 -8.36
N ILE A 155 -15.26 -6.66 -8.67
CA ILE A 155 -16.20 -6.92 -7.59
C ILE A 155 -15.75 -8.08 -6.71
N ASN A 156 -15.39 -9.19 -7.37
CA ASN A 156 -14.98 -10.36 -6.59
C ASN A 156 -13.72 -10.05 -5.81
N ASP A 157 -12.77 -9.36 -6.45
CA ASP A 157 -11.48 -9.06 -5.78
C ASP A 157 -11.72 -8.12 -4.60
N CYS A 158 -12.49 -7.06 -4.78
CA CYS A 158 -12.78 -6.13 -3.68
C CYS A 158 -13.45 -6.88 -2.56
N LEU A 159 -14.42 -7.74 -2.85
N LEU A 159 -14.44 -7.72 -2.85
CA LEU A 159 -15.19 -8.32 -1.76
CA LEU A 159 -15.21 -8.29 -1.75
C LEU A 159 -14.40 -9.40 -1.04
C LEU A 159 -14.46 -9.46 -1.07
N LEU A 160 -13.50 -10.10 -1.75
CA LEU A 160 -12.62 -11.02 -1.09
C LEU A 160 -11.78 -10.29 -0.04
N ASN A 161 -11.18 -9.18 -0.49
CA ASN A 161 -10.36 -8.40 0.44
C ASN A 161 -11.19 -7.78 1.55
N ASP A 162 -12.40 -7.34 1.22
CA ASP A 162 -13.26 -6.74 2.25
C ASP A 162 -13.53 -7.76 3.34
N PHE A 163 -13.80 -9.00 2.95
CA PHE A 163 -14.08 -10.02 3.97
C PHE A 163 -12.91 -10.23 4.91
N LEU A 164 -11.70 -10.29 4.35
CA LEU A 164 -10.50 -10.50 5.13
C LEU A 164 -10.32 -9.26 6.08
N LEU A 165 -10.45 -8.08 5.52
CA LEU A 165 -10.17 -6.86 6.30
C LEU A 165 -11.18 -6.64 7.40
N LYS A 166 -12.45 -6.88 7.09
CA LYS A 166 -13.53 -6.64 8.09
C LYS A 166 -13.42 -7.64 9.23
N SER A 167 -12.77 -8.78 8.96
N SER A 167 -12.80 -8.80 9.00
CA SER A 167 -12.60 -9.87 9.92
CA SER A 167 -12.67 -9.81 10.07
C SER A 167 -11.42 -9.65 10.87
C SER A 167 -11.62 -9.42 11.09
N HIS A 168 -10.69 -8.54 10.69
CA HIS A 168 -9.54 -8.21 11.56
C HIS A 168 -9.73 -6.84 12.16
N GLN A 169 -8.91 -6.51 13.16
CA GLN A 169 -9.12 -5.31 13.96
C GLN A 169 -8.28 -4.17 13.41
N LEU A 170 -8.80 -3.54 12.37
CA LEU A 170 -8.14 -2.35 11.75
C LEU A 170 -9.16 -1.50 10.98
N ASP A 171 -8.82 -0.22 10.80
N ASP A 171 -8.81 -0.23 10.83
CA ASP A 171 -9.62 0.76 10.08
CA ASP A 171 -9.60 0.73 10.07
C ASP A 171 -9.11 0.79 8.64
C ASP A 171 -9.09 0.59 8.63
N TYR A 172 -9.99 0.51 7.65
CA TYR A 172 -9.56 0.35 6.27
C TYR A 172 -10.51 1.04 5.33
N LYS A 173 -10.01 1.25 4.11
CA LYS A 173 -10.81 1.73 3.00
C LYS A 173 -10.36 0.99 1.75
N ILE A 174 -11.26 0.63 0.85
CA ILE A 174 -10.94 0.05 -0.44
C ILE A 174 -11.23 1.13 -1.50
N ALA A 175 -10.24 1.38 -2.35
CA ALA A 175 -10.41 2.41 -3.39
C ALA A 175 -10.05 1.85 -4.74
N ILE A 176 -10.91 2.03 -5.76
CA ILE A 176 -10.64 1.58 -7.11
C ILE A 176 -9.80 2.62 -7.84
N ASN A 177 -8.73 2.15 -8.47
CA ASN A 177 -7.89 2.98 -9.32
C ASN A 177 -8.48 2.95 -10.71
N LEU A 178 -9.28 3.99 -10.98
CA LEU A 178 -10.01 4.10 -12.23
C LEU A 178 -9.17 4.84 -13.26
N LYS A 179 -8.90 4.16 -14.37
CA LYS A 179 -8.14 4.79 -15.46
C LYS A 179 -8.99 5.59 -16.38
N GLY A 180 -8.39 6.67 -16.95
CA GLY A 180 -9.05 7.66 -17.80
C GLY A 180 -9.68 7.13 -19.08
N ASN A 181 -9.08 6.11 -19.60
CA ASN A 181 -9.60 5.54 -20.81
C ASN A 181 -10.51 4.33 -20.61
N ASN A 182 -11.00 4.14 -19.38
CA ASN A 182 -11.85 3.01 -19.09
C ASN A 182 -13.27 3.24 -19.52
N THR A 183 -13.73 2.56 -20.55
CA THR A 183 -15.04 2.86 -21.15
C THR A 183 -16.10 1.90 -20.69
N ALA A 184 -15.78 1.13 -19.70
CA ALA A 184 -16.65 0.04 -19.28
C ALA A 184 -17.02 0.06 -17.80
N PHE A 185 -16.14 0.61 -16.96
CA PHE A 185 -16.33 0.55 -15.51
C PHE A 185 -17.73 1.03 -15.10
N HIS A 186 -18.13 2.18 -15.59
CA HIS A 186 -19.35 2.79 -15.09
C HIS A 186 -20.60 2.01 -15.44
N SER A 187 -20.61 1.36 -16.58
CA SER A 187 -21.81 0.64 -16.97
C SER A 187 -21.80 -0.83 -16.57
N ILE A 188 -20.63 -1.39 -16.28
CA ILE A 188 -20.45 -2.83 -15.98
C ILE A 188 -20.31 -3.12 -14.50
N SER A 189 -19.47 -2.39 -13.81
CA SER A 189 -19.10 -2.70 -12.43
C SER A 189 -19.66 -1.67 -11.44
N LEU A 190 -19.72 -0.39 -11.78
CA LEU A 190 -20.18 0.60 -10.86
C LEU A 190 -21.60 0.33 -10.34
N PRO A 191 -22.53 -0.20 -11.16
CA PRO A 191 -23.88 -0.40 -10.57
C PRO A 191 -23.87 -1.24 -9.32
N TYR A 192 -23.06 -2.29 -9.27
CA TYR A 192 -23.01 -3.05 -8.04
C TYR A 192 -22.23 -2.36 -6.93
N ILE A 193 -21.14 -1.67 -7.25
CA ILE A 193 -20.46 -0.91 -6.24
C ILE A 193 -21.43 0.04 -5.55
N GLU A 194 -22.30 0.68 -6.33
CA GLU A 194 -23.30 1.61 -5.73
C GLU A 194 -24.27 0.85 -4.82
N LEU A 195 -24.78 -0.30 -5.27
CA LEU A 195 -25.68 -1.10 -4.42
C LEU A 195 -25.01 -1.56 -3.13
N PHE A 196 -23.79 -2.09 -3.26
CA PHE A 196 -23.01 -2.52 -2.14
C PHE A 196 -22.89 -1.39 -1.11
N ASN A 197 -22.61 -0.19 -1.60
CA ASN A 197 -22.34 0.89 -0.69
C ASN A 197 -23.60 1.29 0.07
N THR A 198 -24.79 1.15 -0.54
CA THR A 198 -26.01 1.38 0.24
C THR A 198 -26.26 0.44 1.36
N ARG A 199 -25.62 -0.71 1.31
CA ARG A 199 -25.90 -1.78 2.26
C ARG A 199 -24.72 -1.97 3.21
N SER A 200 -23.64 -1.19 3.03
CA SER A 200 -22.40 -1.34 3.81
C SER A 200 -22.17 -0.16 4.73
N ASN A 201 -21.49 -0.38 5.85
CA ASN A 201 -21.08 0.68 6.73
C ASN A 201 -19.71 1.23 6.32
N ASN A 202 -19.11 0.65 5.26
CA ASN A 202 -17.78 1.04 4.84
C ASN A 202 -17.69 0.90 3.30
N PRO A 203 -17.91 2.02 2.59
CA PRO A 203 -18.14 1.89 1.16
C PRO A 203 -16.87 1.76 0.38
N ILE A 204 -16.96 1.14 -0.81
CA ILE A 204 -15.85 1.10 -1.76
C ILE A 204 -15.90 2.43 -2.54
N VAL A 205 -14.76 3.11 -2.58
CA VAL A 205 -14.66 4.41 -3.23
C VAL A 205 -13.90 4.31 -4.52
N ILE A 206 -13.94 5.36 -5.32
CA ILE A 206 -13.11 5.51 -6.50
C ILE A 206 -11.99 6.43 -6.09
N PHE A 207 -10.75 5.94 -6.21
CA PHE A 207 -9.58 6.71 -5.76
C PHE A 207 -9.57 8.13 -6.26
N GLN A 208 -9.81 8.29 -7.54
CA GLN A 208 -9.71 9.60 -8.19
C GLN A 208 -10.73 10.63 -7.70
N GLN A 209 -11.80 10.15 -7.12
CA GLN A 209 -12.84 10.99 -6.54
C GLN A 209 -12.60 11.23 -5.06
N SER A 210 -11.54 10.65 -4.49
CA SER A 210 -11.50 10.52 -3.06
C SER A 210 -10.21 11.00 -2.40
N LEU A 211 -9.46 11.90 -3.02
CA LEU A 211 -8.24 12.38 -2.37
C LEU A 211 -8.54 13.06 -1.03
N LYS A 212 -9.55 13.90 -0.98
CA LYS A 212 -9.89 14.61 0.30
C LYS A 212 -10.43 13.60 1.33
N VAL A 213 -11.29 12.68 0.89
CA VAL A 213 -11.84 11.66 1.77
C VAL A 213 -10.72 10.77 2.31
N LEU A 214 -9.78 10.38 1.46
CA LEU A 214 -8.72 9.50 1.93
C LEU A 214 -7.73 10.22 2.83
N MSE A 215 -7.45 11.50 2.55
CA MSE A 215 -6.60 12.22 3.47
C MSE A 215 -7.30 12.31 4.84
O MSE A 215 -6.62 12.13 5.90
CB MSE A 215 -6.26 13.59 2.91
CG MSE A 215 -5.54 14.46 3.87
SE MSE A 215 -4.91 16.14 3.11
CE MSE A 215 -6.65 17.13 2.92
N SER A 216 -8.61 12.64 4.87
CA SER A 216 -9.39 12.73 6.11
C SER A 216 -9.33 11.40 6.86
N PHE A 217 -9.53 10.30 6.12
CA PHE A 217 -9.46 8.97 6.68
C PHE A 217 -8.10 8.73 7.35
N ALA A 218 -7.04 9.03 6.60
CA ALA A 218 -5.68 8.75 7.09
C ALA A 218 -5.34 9.51 8.36
N LEU A 219 -5.87 10.71 8.50
CA LEU A 219 -5.49 11.60 9.60
C LEU A 219 -6.47 11.58 10.77
N LYS A 220 -7.60 10.89 10.58
CA LYS A 220 -8.74 10.82 11.57
C LYS A 220 -8.23 10.43 12.96
CL CL B . -16.77 -6.45 -11.87
CL CL C . 1.95 -0.54 -8.28
#